data_1FDR
#
_entry.id   1FDR
#
_cell.length_a   124.130
_cell.length_b   51.100
_cell.length_c   40.670
_cell.angle_alpha   90.00
_cell.angle_beta   93.10
_cell.angle_gamma   90.00
#
_symmetry.space_group_name_H-M   'C 1 2 1'
#
loop_
_entity.id
_entity.type
_entity.pdbx_description
1 polymer 'FLAVODOXIN REDUCTASE'
2 non-polymer 'FLAVIN-ADENINE DINUCLEOTIDE'
3 water water
#
_entity_poly.entity_id   1
_entity_poly.type   'polypeptide(L)'
_entity_poly.pdbx_seq_one_letter_code
;MADWVTGKVTKVQNWTDALFSLTVHAPVLPFTAGQFTKLGLEIDGERVQRAYSYVNSPDNPDLEFYLVTVPDGKLSPRLA
ALKPGDEVQVVSEAAGFFVLDEVPHCETLWMLATGTAIGPYLSILRLGKDLDRFKNLVLVHAARYAADLSYLPLMQELEK
RYEGKLRIQTVVSRETAAGSLTGRIPALIESGELESTIGLPMNKETSHVMLCGNPQMVRDTQQLLKETRQMTKHLRRRPG
HMTAEHYW
;
_entity_poly.pdbx_strand_id   A
#
# COMPACT_ATOMS: atom_id res chain seq x y z
N ALA A 2 -19.39 -11.74 9.67
CA ALA A 2 -19.11 -11.17 8.32
C ALA A 2 -20.08 -11.79 7.34
N ASP A 3 -20.70 -10.96 6.53
CA ASP A 3 -21.63 -11.49 5.58
C ASP A 3 -20.93 -11.37 4.25
N TRP A 4 -20.95 -12.49 3.53
CA TRP A 4 -20.32 -12.63 2.25
C TRP A 4 -21.29 -12.34 1.15
N VAL A 5 -20.81 -11.69 0.11
CA VAL A 5 -21.59 -11.38 -1.04
C VAL A 5 -20.87 -11.94 -2.26
N THR A 6 -21.62 -12.12 -3.34
CA THR A 6 -21.06 -12.70 -4.53
C THR A 6 -20.64 -11.59 -5.44
N GLY A 7 -19.38 -11.67 -5.85
CA GLY A 7 -18.84 -10.68 -6.76
C GLY A 7 -18.49 -11.32 -8.07
N LYS A 8 -18.40 -10.49 -9.10
CA LYS A 8 -18.02 -10.90 -10.45
C LYS A 8 -16.73 -10.17 -10.82
N VAL A 9 -15.73 -10.91 -11.27
CA VAL A 9 -14.49 -10.31 -11.72
C VAL A 9 -14.79 -9.66 -13.08
N THR A 10 -14.61 -8.35 -13.16
CA THR A 10 -14.88 -7.65 -14.39
C THR A 10 -13.61 -7.51 -15.16
N LYS A 11 -12.46 -7.53 -14.50
CA LYS A 11 -11.20 -7.35 -15.23
C LYS A 11 -10.04 -7.96 -14.53
N VAL A 12 -9.13 -8.49 -15.32
CA VAL A 12 -7.89 -9.07 -14.78
C VAL A 12 -6.70 -8.39 -15.48
N GLN A 13 -5.84 -7.81 -14.65
CA GLN A 13 -4.65 -7.11 -15.11
C GLN A 13 -3.48 -7.97 -14.69
N ASN A 14 -2.85 -8.62 -15.66
CA ASN A 14 -1.69 -9.45 -15.34
C ASN A 14 -0.47 -8.58 -15.61
N TRP A 15 0.10 -8.02 -14.55
CA TRP A 15 1.26 -7.12 -14.68
C TRP A 15 2.54 -7.87 -15.06
N THR A 16 2.74 -8.99 -14.39
CA THR A 16 3.86 -9.89 -14.63
C THR A 16 3.26 -11.32 -14.51
N ASP A 17 4.13 -12.31 -14.56
CA ASP A 17 3.66 -13.67 -14.41
C ASP A 17 3.13 -13.86 -13.00
N ALA A 18 3.60 -13.07 -12.05
CA ALA A 18 3.14 -13.27 -10.69
C ALA A 18 2.23 -12.17 -10.12
N LEU A 19 2.26 -11.00 -10.72
CA LEU A 19 1.49 -9.89 -10.18
C LEU A 19 0.31 -9.68 -11.06
N PHE A 20 -0.83 -9.46 -10.42
CA PHE A 20 -2.04 -9.22 -11.17
C PHE A 20 -2.99 -8.40 -10.32
N SER A 21 -3.84 -7.64 -10.97
CA SER A 21 -4.86 -6.91 -10.25
C SER A 21 -6.24 -7.39 -10.73
N LEU A 22 -7.17 -7.53 -9.80
CA LEU A 22 -8.55 -7.88 -10.17
C LEU A 22 -9.45 -6.66 -9.92
N THR A 23 -10.39 -6.44 -10.83
CA THR A 23 -11.41 -5.40 -10.68
C THR A 23 -12.68 -6.26 -10.56
N VAL A 24 -13.42 -6.04 -9.48
CA VAL A 24 -14.63 -6.80 -9.10
C VAL A 24 -15.88 -5.92 -8.86
N HIS A 25 -17.03 -6.40 -9.29
CA HIS A 25 -18.27 -5.71 -8.97
C HIS A 25 -18.94 -6.60 -7.97
N ALA A 26 -19.11 -6.12 -6.75
CA ALA A 26 -19.75 -6.90 -5.72
C ALA A 26 -20.57 -5.87 -4.91
N PRO A 27 -21.71 -6.30 -4.36
CA PRO A 27 -22.55 -5.37 -3.59
C PRO A 27 -21.97 -5.09 -2.21
N VAL A 28 -20.76 -4.55 -2.14
CA VAL A 28 -20.18 -4.30 -0.82
C VAL A 28 -20.58 -2.94 -0.28
N LEU A 29 -20.34 -2.77 1.01
CA LEU A 29 -20.62 -1.54 1.70
C LEU A 29 -19.47 -0.55 1.49
N PRO A 30 -19.73 0.72 1.80
CA PRO A 30 -18.71 1.75 1.65
C PRO A 30 -17.58 1.48 2.65
N PHE A 31 -16.38 1.98 2.34
CA PHE A 31 -15.27 1.78 3.29
C PHE A 31 -14.45 3.08 3.45
N THR A 32 -13.55 3.07 4.41
CA THR A 32 -12.65 4.21 4.59
C THR A 32 -11.35 3.85 3.85
N ALA A 33 -10.83 4.74 3.00
CA ALA A 33 -9.57 4.51 2.27
C ALA A 33 -8.46 4.00 3.19
N GLY A 34 -7.82 2.90 2.77
CA GLY A 34 -6.78 2.30 3.58
C GLY A 34 -7.29 0.98 4.16
N GLN A 35 -8.62 0.79 4.15
CA GLN A 35 -9.20 -0.43 4.72
C GLN A 35 -9.09 -1.67 3.81
N PHE A 36 -9.46 -2.82 4.37
CA PHE A 36 -9.41 -4.04 3.59
C PHE A 36 -10.69 -4.90 3.74
N THR A 37 -10.87 -5.84 2.82
CA THR A 37 -11.97 -6.75 2.92
C THR A 37 -11.35 -8.15 2.75
N LYS A 38 -12.17 -9.19 2.69
CA LYS A 38 -11.67 -10.55 2.49
C LYS A 38 -12.24 -11.08 1.21
N LEU A 39 -11.44 -11.85 0.49
CA LEU A 39 -11.89 -12.45 -0.74
C LEU A 39 -11.84 -13.95 -0.42
N GLY A 40 -12.72 -14.71 -1.07
CA GLY A 40 -12.74 -16.13 -0.79
C GLY A 40 -13.29 -16.93 -1.94
N LEU A 41 -12.86 -18.19 -1.98
CA LEU A 41 -13.29 -19.13 -2.99
C LEU A 41 -13.46 -20.46 -2.25
N GLU A 42 -14.46 -21.23 -2.69
CA GLU A 42 -14.77 -22.54 -2.16
C GLU A 42 -13.73 -23.49 -2.78
N ILE A 43 -12.91 -24.08 -1.94
CA ILE A 43 -11.85 -24.98 -2.40
C ILE A 43 -11.83 -26.24 -1.52
N ARG A 47 -14.63 -23.01 1.69
CA ARG A 47 -14.35 -21.58 1.54
C ARG A 47 -13.05 -21.15 2.22
N VAL A 48 -12.11 -20.73 1.39
CA VAL A 48 -10.81 -20.26 1.86
C VAL A 48 -10.88 -18.77 1.67
N GLN A 49 -10.53 -18.04 2.72
CA GLN A 49 -10.60 -16.58 2.68
C GLN A 49 -9.27 -15.94 3.13
N ARG A 50 -8.94 -14.81 2.51
CA ARG A 50 -7.75 -14.01 2.83
C ARG A 50 -8.13 -12.50 2.75
N ALA A 51 -7.35 -11.67 3.44
CA ALA A 51 -7.55 -10.22 3.46
C ALA A 51 -6.85 -9.54 2.30
N TYR A 52 -7.52 -8.60 1.69
CA TYR A 52 -6.94 -7.87 0.60
C TYR A 52 -7.37 -6.40 0.73
N SER A 53 -6.40 -5.49 0.65
CA SER A 53 -6.66 -4.05 0.72
C SER A 53 -7.36 -3.53 -0.52
N TYR A 54 -8.29 -2.62 -0.33
CA TYR A 54 -8.90 -2.01 -1.49
C TYR A 54 -7.84 -1.08 -2.09
N VAL A 55 -7.77 -1.03 -3.41
CA VAL A 55 -6.80 -0.20 -4.11
C VAL A 55 -7.56 0.94 -4.72
N ASN A 56 -8.85 0.73 -4.91
CA ASN A 56 -9.70 1.77 -5.49
C ASN A 56 -10.11 2.82 -4.42
N SER A 57 -10.48 3.99 -4.90
CA SER A 57 -11.00 5.03 -4.06
C SER A 57 -12.36 4.45 -3.56
N PRO A 58 -12.76 4.70 -2.30
CA PRO A 58 -14.04 4.20 -1.76
C PRO A 58 -15.24 4.69 -2.58
N ASP A 59 -15.07 5.77 -3.31
CA ASP A 59 -16.14 6.35 -4.11
C ASP A 59 -16.23 5.69 -5.45
N ASN A 60 -15.33 4.77 -5.76
CA ASN A 60 -15.43 4.13 -7.06
C ASN A 60 -15.90 2.70 -6.86
N PRO A 61 -17.05 2.32 -7.44
CA PRO A 61 -17.64 0.97 -7.36
C PRO A 61 -16.79 -0.18 -7.99
N ASP A 62 -15.88 0.11 -8.91
CA ASP A 62 -15.04 -0.96 -9.45
C ASP A 62 -13.99 -1.28 -8.39
N LEU A 63 -14.25 -2.31 -7.59
CA LEU A 63 -13.35 -2.71 -6.55
C LEU A 63 -12.07 -3.22 -7.20
N GLU A 64 -10.92 -2.77 -6.68
CA GLU A 64 -9.65 -3.17 -7.25
C GLU A 64 -8.73 -3.76 -6.20
N PHE A 65 -8.13 -4.89 -6.56
CA PHE A 65 -7.23 -5.60 -5.66
C PHE A 65 -5.93 -5.93 -6.39
N TYR A 66 -4.82 -5.70 -5.70
CA TYR A 66 -3.51 -5.92 -6.27
C TYR A 66 -2.90 -7.11 -5.52
N LEU A 67 -2.56 -8.16 -6.26
CA LEU A 67 -2.08 -9.37 -5.62
C LEU A 67 -0.88 -9.94 -6.29
N VAL A 68 -0.26 -10.84 -5.56
CA VAL A 68 0.88 -11.56 -6.06
C VAL A 68 0.57 -13.04 -5.79
N THR A 69 0.86 -13.87 -6.77
CA THR A 69 0.68 -15.31 -6.63
C THR A 69 1.77 -15.88 -5.72
N VAL A 70 1.36 -16.42 -4.59
CA VAL A 70 2.27 -17.09 -3.67
C VAL A 70 2.14 -18.58 -4.15
N PRO A 71 3.11 -19.06 -4.91
CA PRO A 71 3.13 -20.44 -5.47
C PRO A 71 2.62 -21.60 -4.58
N ASP A 72 3.12 -21.65 -3.35
CA ASP A 72 2.73 -22.69 -2.42
C ASP A 72 1.54 -22.30 -1.55
N GLY A 73 0.93 -21.15 -1.85
CA GLY A 73 -0.20 -20.70 -1.04
C GLY A 73 -1.52 -21.28 -1.51
N LYS A 74 -2.51 -21.36 -0.63
CA LYS A 74 -3.79 -21.91 -1.05
C LYS A 74 -4.77 -21.07 -1.85
N LEU A 75 -4.98 -19.82 -1.47
CA LEU A 75 -5.93 -19.02 -2.22
C LEU A 75 -5.37 -18.20 -3.37
N SER A 76 -4.18 -17.60 -3.23
CA SER A 76 -3.67 -16.76 -4.30
C SER A 76 -3.56 -17.44 -5.65
N PRO A 77 -3.05 -18.67 -5.68
CA PRO A 77 -2.97 -19.30 -7.00
C PRO A 77 -4.39 -19.49 -7.63
N ARG A 78 -5.42 -19.67 -6.79
CA ARG A 78 -6.78 -19.83 -7.29
C ARG A 78 -7.34 -18.52 -7.81
N LEU A 79 -7.06 -17.43 -7.09
CA LEU A 79 -7.55 -16.12 -7.55
C LEU A 79 -6.83 -15.77 -8.85
N ALA A 80 -5.59 -16.26 -9.00
CA ALA A 80 -4.80 -15.96 -10.19
C ALA A 80 -5.39 -16.64 -11.42
N ALA A 81 -6.24 -17.64 -11.13
CA ALA A 81 -6.86 -18.41 -12.18
C ALA A 81 -8.19 -17.85 -12.65
N LEU A 82 -8.71 -16.87 -11.91
CA LEU A 82 -10.00 -16.26 -12.27
C LEU A 82 -9.92 -15.50 -13.57
N LYS A 83 -10.99 -15.58 -14.34
CA LYS A 83 -11.10 -14.88 -15.61
C LYS A 83 -12.32 -13.92 -15.50
N PRO A 84 -12.38 -12.91 -16.37
CA PRO A 84 -13.53 -12.01 -16.28
C PRO A 84 -14.85 -12.81 -16.38
N GLY A 85 -15.80 -12.49 -15.50
CA GLY A 85 -17.10 -13.15 -15.49
C GLY A 85 -17.16 -14.19 -14.39
N ASP A 86 -16.00 -14.63 -13.91
CA ASP A 86 -15.93 -15.59 -12.83
C ASP A 86 -16.41 -14.98 -11.52
N GLU A 87 -16.86 -15.81 -10.59
CA GLU A 87 -17.33 -15.31 -9.30
C GLU A 87 -16.28 -15.46 -8.24
N VAL A 88 -16.35 -14.56 -7.26
CA VAL A 88 -15.45 -14.60 -6.11
C VAL A 88 -16.31 -14.06 -4.98
N GLN A 89 -16.15 -14.60 -3.80
CA GLN A 89 -16.91 -14.17 -2.64
C GLN A 89 -16.14 -13.00 -1.99
N VAL A 90 -16.88 -12.00 -1.50
CA VAL A 90 -16.28 -10.80 -0.89
C VAL A 90 -17.06 -10.44 0.37
N VAL A 91 -16.36 -10.17 1.47
CA VAL A 91 -17.01 -9.75 2.72
C VAL A 91 -17.54 -8.29 2.50
N SER A 92 -18.82 -8.02 2.75
CA SER A 92 -19.33 -6.69 2.45
C SER A 92 -18.86 -5.53 3.38
N GLU A 93 -18.50 -5.87 4.61
CA GLU A 93 -18.11 -4.85 5.54
C GLU A 93 -16.58 -4.80 5.65
N ALA A 94 -16.01 -3.63 5.35
CA ALA A 94 -14.54 -3.46 5.40
C ALA A 94 -14.04 -3.38 6.83
N ALA A 95 -12.74 -3.56 7.01
CA ALA A 95 -12.13 -3.46 8.33
C ALA A 95 -10.73 -2.83 8.20
N GLY A 96 -10.10 -2.53 9.33
CA GLY A 96 -8.78 -1.95 9.27
C GLY A 96 -8.69 -0.50 9.77
N PHE A 97 -7.55 -0.16 10.33
CA PHE A 97 -7.33 1.19 10.88
C PHE A 97 -6.11 1.85 10.28
N PHE A 98 -5.64 1.36 9.13
CA PHE A 98 -4.46 1.92 8.45
C PHE A 98 -5.07 3.03 7.60
N VAL A 99 -5.64 4.02 8.27
CA VAL A 99 -6.35 5.10 7.62
C VAL A 99 -5.90 6.49 8.14
N LEU A 100 -6.18 7.55 7.37
CA LEU A 100 -5.74 8.92 7.73
C LEU A 100 -6.19 9.38 9.13
N ASP A 101 -7.43 9.07 9.45
CA ASP A 101 -7.97 9.39 10.75
C ASP A 101 -7.10 8.95 11.88
N GLU A 102 -6.38 7.85 11.72
CA GLU A 102 -5.58 7.38 12.81
C GLU A 102 -4.17 7.94 12.78
N VAL A 103 -3.91 8.81 11.82
CA VAL A 103 -2.58 9.41 11.61
C VAL A 103 -2.52 10.77 12.32
N PRO A 104 -1.51 11.01 13.20
CA PRO A 104 -1.36 12.29 13.90
C PRO A 104 -1.02 13.43 12.94
N HIS A 105 -1.14 14.66 13.41
CA HIS A 105 -0.79 15.81 12.56
C HIS A 105 0.75 15.79 12.39
N CYS A 106 1.22 16.13 11.20
CA CYS A 106 2.64 16.16 10.95
C CYS A 106 2.83 16.98 9.70
N GLU A 107 4.01 17.53 9.51
CA GLU A 107 4.27 18.31 8.29
C GLU A 107 4.45 17.43 7.04
N THR A 108 5.06 16.27 7.25
CA THR A 108 5.33 15.33 6.17
C THR A 108 4.86 13.91 6.49
N LEU A 109 3.92 13.42 5.69
CA LEU A 109 3.45 12.05 5.87
C LEU A 109 4.25 11.17 4.86
N TRP A 110 4.99 10.21 5.38
CA TRP A 110 5.77 9.26 4.57
C TRP A 110 4.99 7.95 4.45
N MET A 111 4.74 7.52 3.21
CA MET A 111 3.98 6.27 2.93
C MET A 111 4.92 5.28 2.23
N LEU A 112 5.40 4.29 2.99
CA LEU A 112 6.37 3.29 2.48
C LEU A 112 5.68 1.94 2.35
N ALA A 113 5.91 1.28 1.21
CA ALA A 113 5.31 -0.01 0.95
C ALA A 113 6.21 -0.91 0.14
N THR A 114 6.16 -2.20 0.40
CA THR A 114 6.88 -3.17 -0.42
C THR A 114 5.83 -3.95 -1.27
N GLY A 115 6.23 -4.39 -2.46
CA GLY A 115 5.36 -5.20 -3.30
C GLY A 115 3.94 -4.81 -3.43
N THR A 116 3.02 -5.70 -3.08
CA THR A 116 1.60 -5.40 -3.24
C THR A 116 0.99 -4.48 -2.17
N ALA A 117 1.79 -4.12 -1.16
CA ALA A 117 1.31 -3.29 -0.08
C ALA A 117 1.11 -1.78 -0.36
N ILE A 118 1.30 -1.37 -1.60
CA ILE A 118 1.08 0.00 -1.98
C ILE A 118 -0.43 0.33 -2.13
N GLY A 119 -1.25 -0.71 -2.22
CA GLY A 119 -2.68 -0.56 -2.40
C GLY A 119 -3.39 0.43 -1.49
N PRO A 120 -3.25 0.31 -0.16
CA PRO A 120 -3.93 1.26 0.71
C PRO A 120 -3.58 2.75 0.47
N TYR A 121 -2.32 3.02 0.11
CA TYR A 121 -1.88 4.37 -0.15
C TYR A 121 -2.56 4.92 -1.35
N LEU A 122 -2.66 4.08 -2.38
CA LEU A 122 -3.30 4.48 -3.62
C LEU A 122 -4.79 4.78 -3.40
N SER A 123 -5.45 4.03 -2.52
CA SER A 123 -6.86 4.29 -2.24
C SER A 123 -6.96 5.70 -1.63
N ILE A 124 -6.15 5.94 -0.60
CA ILE A 124 -6.09 7.23 0.06
C ILE A 124 -5.80 8.44 -0.87
N LEU A 125 -4.79 8.31 -1.72
CA LEU A 125 -4.43 9.40 -2.61
C LEU A 125 -5.38 9.57 -3.74
N ARG A 126 -6.09 8.49 -4.08
CA ARG A 126 -7.07 8.57 -5.18
C ARG A 126 -8.31 9.33 -4.72
N LEU A 127 -8.73 9.04 -3.48
CA LEU A 127 -9.90 9.70 -2.88
C LEU A 127 -9.52 11.17 -2.70
N GLY A 128 -8.34 11.38 -2.11
CA GLY A 128 -7.78 12.71 -1.92
C GLY A 128 -8.45 13.59 -0.91
N LYS A 129 -9.08 13.01 0.10
CA LYS A 129 -9.73 13.78 1.14
C LYS A 129 -8.86 13.74 2.34
N ASP A 130 -8.99 14.78 3.17
CA ASP A 130 -8.29 14.90 4.44
C ASP A 130 -6.79 14.95 4.37
N LEU A 131 -6.30 15.43 3.26
CA LEU A 131 -4.87 15.52 3.08
C LEU A 131 -4.31 16.93 3.24
N ASP A 132 -5.20 17.93 3.37
CA ASP A 132 -4.83 19.35 3.52
C ASP A 132 -4.06 19.58 4.79
N ARG A 133 -4.28 18.73 5.76
CA ARG A 133 -3.58 18.92 6.99
C ARG A 133 -2.13 18.56 6.93
N PHE A 134 -1.68 17.97 5.83
CA PHE A 134 -0.26 17.59 5.71
C PHE A 134 0.36 18.54 4.72
N LYS A 135 1.55 19.07 5.00
CA LYS A 135 2.17 19.96 4.02
C LYS A 135 2.79 19.13 2.87
N ASN A 136 3.43 18.03 3.24
CA ASN A 136 4.09 17.14 2.28
C ASN A 136 3.60 15.71 2.43
N LEU A 137 3.46 15.07 1.27
CA LEU A 137 3.09 13.66 1.19
C LEU A 137 4.23 12.95 0.41
N VAL A 138 4.72 11.85 0.94
CA VAL A 138 5.78 11.10 0.23
C VAL A 138 5.33 9.63 0.04
N LEU A 139 5.34 9.18 -1.19
CA LEU A 139 4.96 7.79 -1.47
C LEU A 139 6.16 7.05 -2.02
N VAL A 140 6.58 6.02 -1.29
CA VAL A 140 7.71 5.17 -1.69
C VAL A 140 7.29 3.72 -1.90
N HIS A 141 7.51 3.25 -3.10
CA HIS A 141 7.20 1.87 -3.41
C HIS A 141 8.51 1.12 -3.72
N ALA A 142 8.78 0.07 -2.94
CA ALA A 142 9.94 -0.79 -3.07
C ALA A 142 9.49 -2.17 -3.59
N ALA A 143 10.27 -2.70 -4.53
CA ALA A 143 10.05 -4.01 -5.16
C ALA A 143 11.43 -4.60 -5.50
N ARG A 144 11.46 -5.83 -5.98
CA ARG A 144 12.73 -6.43 -6.36
C ARG A 144 13.27 -5.91 -7.69
N TYR A 145 12.37 -5.78 -8.65
CA TYR A 145 12.72 -5.37 -9.98
C TYR A 145 11.80 -4.27 -10.42
N ALA A 146 12.28 -3.49 -11.40
CA ALA A 146 11.54 -2.40 -11.97
C ALA A 146 10.23 -2.87 -12.62
N ALA A 147 10.27 -4.08 -13.16
CA ALA A 147 9.13 -4.62 -13.84
C ALA A 147 8.01 -4.85 -12.83
N ASP A 148 8.33 -4.91 -11.55
CA ASP A 148 7.33 -5.12 -10.50
C ASP A 148 6.61 -3.86 -10.00
N LEU A 149 6.99 -2.68 -10.50
CA LEU A 149 6.40 -1.40 -10.07
C LEU A 149 5.17 -1.24 -10.94
N SER A 150 4.14 -2.04 -10.66
CA SER A 150 2.90 -2.08 -11.49
C SER A 150 2.15 -0.79 -11.57
N TYR A 151 2.15 -0.03 -10.48
CA TYR A 151 1.43 1.24 -10.43
C TYR A 151 2.24 2.53 -10.65
N LEU A 152 3.44 2.39 -11.20
CA LEU A 152 4.25 3.57 -11.46
C LEU A 152 3.47 4.61 -12.29
N PRO A 153 2.74 4.17 -13.34
CA PRO A 153 1.98 5.13 -14.14
C PRO A 153 0.97 5.92 -13.29
N LEU A 154 0.28 5.22 -12.40
CA LEU A 154 -0.69 5.83 -11.53
C LEU A 154 -0.01 6.83 -10.60
N MET A 155 1.08 6.41 -9.98
CA MET A 155 1.84 7.24 -9.08
C MET A 155 2.24 8.54 -9.79
N GLN A 156 2.60 8.42 -11.07
CA GLN A 156 2.96 9.58 -11.85
C GLN A 156 1.78 10.52 -12.07
N GLU A 157 0.60 9.99 -12.35
CA GLU A 157 -0.57 10.85 -12.55
C GLU A 157 -0.91 11.53 -11.25
N LEU A 158 -0.75 10.81 -10.14
CA LEU A 158 -1.07 11.34 -8.81
C LEU A 158 -0.12 12.50 -8.48
N GLU A 159 1.16 12.31 -8.78
CA GLU A 159 2.15 13.32 -8.54
C GLU A 159 1.75 14.63 -9.27
N LYS A 160 1.33 14.50 -10.53
CA LYS A 160 0.88 15.66 -11.30
C LYS A 160 -0.35 16.31 -10.64
N ARG A 161 -1.30 15.45 -10.26
CA ARG A 161 -2.55 15.87 -9.66
C ARG A 161 -2.30 16.68 -8.37
N TYR A 162 -1.27 16.32 -7.61
CA TYR A 162 -0.99 16.98 -6.35
C TYR A 162 -0.13 18.22 -6.43
N GLU A 163 0.29 18.55 -7.64
CA GLU A 163 1.08 19.76 -7.92
C GLU A 163 2.24 20.02 -6.99
N GLY A 164 3.04 19.01 -6.71
CA GLY A 164 4.21 19.18 -5.87
C GLY A 164 4.05 18.82 -4.43
N LYS A 165 2.82 18.66 -3.96
CA LYS A 165 2.65 18.30 -2.56
C LYS A 165 3.13 16.85 -2.36
N LEU A 166 2.81 16.02 -3.34
CA LEU A 166 3.20 14.60 -3.30
C LEU A 166 4.54 14.35 -4.05
N ARG A 167 5.44 13.67 -3.38
CA ARG A 167 6.70 13.29 -3.99
C ARG A 167 6.68 11.75 -4.01
N ILE A 168 7.01 11.19 -5.16
CA ILE A 168 7.02 9.77 -5.33
C ILE A 168 8.43 9.28 -5.59
N GLN A 169 8.72 8.08 -5.10
CA GLN A 169 10.03 7.48 -5.33
C GLN A 169 9.86 5.94 -5.38
N THR A 170 10.52 5.29 -6.34
CA THR A 170 10.50 3.85 -6.43
C THR A 170 11.90 3.35 -6.07
N VAL A 171 11.95 2.19 -5.41
CA VAL A 171 13.18 1.59 -4.99
C VAL A 171 13.15 0.12 -5.50
N VAL A 172 14.26 -0.34 -6.07
CA VAL A 172 14.37 -1.71 -6.58
C VAL A 172 15.62 -2.30 -5.95
N SER A 173 15.51 -3.51 -5.45
CA SER A 173 16.63 -4.09 -4.81
C SER A 173 17.58 -4.93 -5.66
N ARG A 174 17.18 -5.42 -6.83
CA ARG A 174 18.05 -6.35 -7.58
C ARG A 174 18.66 -5.90 -8.88
N GLU A 175 18.42 -4.66 -9.26
CA GLU A 175 18.97 -4.18 -10.49
C GLU A 175 19.08 -2.69 -10.38
N THR A 176 19.65 -2.12 -11.41
CA THR A 176 19.86 -0.69 -11.54
C THR A 176 18.87 -0.35 -12.60
N ALA A 177 17.93 0.51 -12.26
CA ALA A 177 16.88 0.92 -13.18
C ALA A 177 16.77 2.45 -13.09
N ALA A 178 16.87 3.11 -14.23
CA ALA A 178 16.78 4.57 -14.30
C ALA A 178 15.47 4.97 -13.63
N GLY A 179 15.54 5.91 -12.72
CA GLY A 179 14.32 6.35 -12.08
C GLY A 179 14.15 5.85 -10.68
N SER A 180 14.80 4.74 -10.33
CA SER A 180 14.65 4.21 -9.00
C SER A 180 15.97 4.20 -8.30
N LEU A 181 15.91 4.16 -6.98
CA LEU A 181 17.09 4.02 -6.16
C LEU A 181 17.26 2.51 -6.09
N THR A 182 18.48 2.05 -5.99
CA THR A 182 18.72 0.62 -5.87
C THR A 182 18.99 0.35 -4.43
N GLY A 183 18.15 -0.48 -3.81
CA GLY A 183 18.40 -0.84 -2.44
C GLY A 183 17.16 -1.33 -1.74
N ARG A 184 17.25 -1.43 -0.42
CA ARG A 184 16.16 -1.82 0.44
C ARG A 184 15.85 -0.56 1.23
N ILE A 185 14.58 -0.32 1.53
CA ILE A 185 14.12 0.86 2.27
C ILE A 185 14.93 1.19 3.52
N PRO A 186 15.13 0.22 4.43
CA PRO A 186 15.89 0.54 5.64
C PRO A 186 17.30 1.09 5.36
N ALA A 187 17.99 0.46 4.41
CA ALA A 187 19.36 0.86 4.07
C ALA A 187 19.45 2.30 3.50
N LEU A 188 18.53 2.63 2.63
CA LEU A 188 18.46 3.92 2.00
C LEU A 188 18.11 5.02 3.01
N ILE A 189 17.35 4.67 4.04
CA ILE A 189 17.02 5.64 5.05
C ILE A 189 18.34 5.90 5.81
N GLU A 190 18.96 4.83 6.27
CA GLU A 190 20.17 4.95 7.04
C GLU A 190 21.28 5.74 6.32
N SER A 191 21.46 5.48 5.03
CA SER A 191 22.49 6.15 4.25
C SER A 191 22.18 7.62 3.88
N GLY A 192 20.99 8.09 4.25
CA GLY A 192 20.61 9.46 3.92
C GLY A 192 20.20 9.61 2.48
N GLU A 193 20.30 8.55 1.68
CA GLU A 193 19.93 8.64 0.26
C GLU A 193 18.45 8.85 -0.05
N LEU A 194 17.57 8.18 0.69
CA LEU A 194 16.13 8.33 0.46
C LEU A 194 15.71 9.80 0.63
N GLU A 195 16.02 10.35 1.81
CA GLU A 195 15.70 11.76 2.16
C GLU A 195 16.32 12.77 1.20
N SER A 196 17.59 12.54 0.82
CA SER A 196 18.32 13.39 -0.12
C SER A 196 17.68 13.36 -1.46
N THR A 197 17.36 12.16 -1.91
CA THR A 197 16.72 12.04 -3.19
C THR A 197 15.31 12.62 -3.17
N ILE A 198 14.56 12.32 -2.12
CA ILE A 198 13.20 12.87 -2.06
C ILE A 198 13.19 14.41 -1.77
N GLY A 199 14.19 14.87 -1.01
CA GLY A 199 14.31 16.28 -0.70
C GLY A 199 13.61 16.69 0.59
N LEU A 200 13.41 15.77 1.53
CA LEU A 200 12.74 16.10 2.76
C LEU A 200 13.30 15.21 3.83
N PRO A 201 13.54 15.76 5.03
CA PRO A 201 14.08 14.89 6.05
C PRO A 201 12.98 14.04 6.75
N MET A 202 13.38 12.94 7.35
CA MET A 202 12.45 12.08 8.02
C MET A 202 12.89 12.09 9.45
N ASN A 203 12.20 12.87 10.27
CA ASN A 203 12.55 12.98 11.69
C ASN A 203 11.31 13.12 12.56
N LYS A 204 11.52 12.95 13.86
CA LYS A 204 10.43 13.02 14.81
C LYS A 204 9.78 14.41 14.88
N GLU A 205 10.50 15.43 14.38
CA GLU A 205 9.99 16.80 14.39
C GLU A 205 9.02 17.10 13.29
N THR A 206 9.18 16.44 12.16
CA THR A 206 8.30 16.79 11.06
C THR A 206 7.47 15.67 10.48
N SER A 207 7.82 14.44 10.81
CA SER A 207 7.23 13.28 10.14
C SER A 207 6.45 12.22 10.86
N HIS A 208 5.53 11.64 10.07
CA HIS A 208 4.82 10.45 10.52
C HIS A 208 5.18 9.49 9.40
N VAL A 209 5.48 8.27 9.76
CA VAL A 209 5.82 7.24 8.79
C VAL A 209 4.80 6.08 8.84
N MET A 210 4.23 5.79 7.68
CA MET A 210 3.30 4.67 7.46
C MET A 210 4.11 3.56 6.74
N LEU A 211 4.06 2.36 7.26
CA LEU A 211 4.78 1.20 6.72
C LEU A 211 3.77 0.08 6.46
N CYS A 212 3.85 -0.48 5.27
CA CYS A 212 2.92 -1.52 4.94
C CYS A 212 3.59 -2.63 4.10
N GLY A 213 3.31 -3.88 4.44
CA GLY A 213 3.82 -4.94 3.60
C GLY A 213 4.57 -6.05 4.25
N ASN A 214 5.77 -6.28 3.73
CA ASN A 214 6.62 -7.33 4.18
C ASN A 214 6.97 -7.03 5.63
N PRO A 215 6.68 -7.94 6.55
CA PRO A 215 6.98 -7.72 7.97
C PRO A 215 8.47 -7.47 8.33
N GLN A 216 9.37 -8.06 7.57
CA GLN A 216 10.79 -7.85 7.80
C GLN A 216 11.10 -6.39 7.50
N MET A 217 10.61 -5.88 6.36
CA MET A 217 10.85 -4.48 6.00
C MET A 217 10.33 -3.58 7.14
N VAL A 218 9.08 -3.80 7.55
CA VAL A 218 8.44 -3.04 8.60
C VAL A 218 9.26 -3.08 9.87
N ARG A 219 9.57 -4.27 10.36
CA ARG A 219 10.33 -4.39 11.58
C ARG A 219 11.71 -3.74 11.48
N ASP A 220 12.42 -3.99 10.39
CA ASP A 220 13.75 -3.42 10.24
C ASP A 220 13.70 -1.88 10.25
N THR A 221 12.77 -1.32 9.47
CA THR A 221 12.61 0.11 9.39
C THR A 221 12.21 0.72 10.73
N GLN A 222 11.33 0.03 11.45
CA GLN A 222 10.91 0.55 12.73
C GLN A 222 12.05 0.54 13.73
N GLN A 223 12.87 -0.50 13.72
CA GLN A 223 14.00 -0.60 14.64
C GLN A 223 15.04 0.48 14.33
N LEU A 224 15.29 0.70 13.05
CA LEU A 224 16.25 1.68 12.63
C LEU A 224 15.75 3.08 13.03
N LEU A 225 14.47 3.37 12.80
CA LEU A 225 13.91 4.68 13.13
C LEU A 225 13.85 4.99 14.62
N LYS A 226 13.74 3.95 15.39
CA LYS A 226 13.67 4.07 16.83
C LYS A 226 15.02 4.41 17.42
N GLU A 227 16.00 3.61 16.99
CA GLU A 227 17.39 3.73 17.41
C GLU A 227 18.09 5.00 16.95
N THR A 228 17.92 5.35 15.69
CA THR A 228 18.57 6.50 15.12
C THR A 228 17.81 7.82 15.04
N ARG A 229 16.48 7.76 14.96
CA ARG A 229 15.69 8.98 14.86
C ARG A 229 14.83 9.15 16.09
N GLN A 230 14.95 8.28 17.05
CA GLN A 230 14.15 8.37 18.28
C GLN A 230 12.64 8.39 17.96
N MET A 231 12.25 7.70 16.90
CA MET A 231 10.84 7.64 16.52
C MET A 231 10.19 6.43 17.19
N THR A 232 8.90 6.54 17.47
CA THR A 232 8.18 5.49 18.18
C THR A 232 6.91 4.97 17.47
N LYS A 233 6.50 3.75 17.85
CA LYS A 233 5.30 3.14 17.30
C LYS A 233 4.17 3.95 17.83
N HIS A 234 3.27 4.32 16.95
CA HIS A 234 2.14 5.12 17.29
C HIS A 234 0.93 4.30 17.78
N LEU A 235 0.37 4.67 18.93
CA LEU A 235 -0.82 4.01 19.47
C LEU A 235 -1.85 5.06 19.86
N ARG A 236 -3.12 4.71 19.85
CA ARG A 236 -4.13 5.63 20.28
C ARG A 236 -3.83 6.02 21.71
N ARG A 237 -3.38 5.06 22.49
CA ARG A 237 -3.07 5.26 23.90
C ARG A 237 -1.68 5.81 24.14
N ARG A 238 -0.91 6.00 23.08
CA ARG A 238 0.47 6.47 23.23
C ARG A 238 0.89 6.91 21.85
N PRO A 239 0.56 8.15 21.48
CA PRO A 239 0.87 8.73 20.18
C PRO A 239 2.34 8.58 19.82
N GLY A 240 2.61 8.39 18.53
CA GLY A 240 3.97 8.16 18.11
C GLY A 240 4.19 8.66 16.70
N HIS A 241 5.16 8.05 16.03
CA HIS A 241 5.52 8.52 14.72
C HIS A 241 5.40 7.49 13.63
N MET A 242 5.16 6.22 13.98
CA MET A 242 5.07 5.15 12.98
C MET A 242 3.81 4.29 13.07
N THR A 243 3.19 4.06 11.92
CA THR A 243 1.99 3.25 11.83
C THR A 243 2.32 2.15 10.82
N ALA A 244 2.03 0.90 11.16
CA ALA A 244 2.33 -0.27 10.33
C ALA A 244 1.14 -1.18 10.03
N GLU A 245 1.23 -1.88 8.91
CA GLU A 245 0.22 -2.85 8.56
C GLU A 245 0.94 -3.97 7.82
N HIS A 246 1.21 -5.08 8.51
CA HIS A 246 1.89 -6.23 7.90
C HIS A 246 0.91 -7.04 7.06
N TYR A 247 1.39 -7.54 5.93
CA TYR A 247 0.58 -8.37 5.03
C TYR A 247 0.67 -9.88 5.36
N TRP A 248 1.57 -10.24 6.25
CA TRP A 248 1.76 -11.60 6.73
C TRP A 248 2.74 -11.50 7.92
#